data_9F66
#
_entry.id   9F66
#
_cell.length_a   66.947
_cell.length_b   70.671
_cell.length_c   94.561
_cell.angle_alpha   90.000
_cell.angle_beta   90.000
_cell.angle_gamma   90.000
#
_symmetry.space_group_name_H-M   'C 2 2 21'
#
loop_
_entity.id
_entity.type
_entity.pdbx_description
1 polymer 'heme oxygenase (biliverdin-producing)'
2 non-polymer 'PROTOPORPHYRIN IX CONTAINING CO'
3 non-polymer 1,2-ETHANEDIOL
4 non-polymer 'CHLORIDE ION'
5 non-polymer 'CARBON DIOXIDE'
6 water water
#
_entity_poly.entity_id   1
_entity_poly.type   'polypeptide(L)'
_entity_poly.pdbx_seq_one_letter_code
;MTTATAGLAVELKQSTAQAHEKAEHSTFMSDLLKGRLGVAEFTRLQEQAWLFYTALEQAVDAVRASGFAESLLDPALNRA
EVLARDLDKLNGSSEWRSRITASPAVIDYVNRLEEIRDNVDGPALVAHHYVRYLGDLSGGQVIARMMQRHYGVDPEALGF
YHFEGIAKLKVYKDEYREKLNNLELSDEQREHLLKEATDAFVFNHQVFADLGKGL
;
_entity_poly.pdbx_strand_id   A
#
loop_
_chem_comp.id
_chem_comp.type
_chem_comp.name
_chem_comp.formula
CL non-polymer 'CHLORIDE ION' 'Cl -1'
CO2 non-polymer 'CARBON DIOXIDE' 'C O2'
COH non-polymer 'PROTOPORPHYRIN IX CONTAINING CO' 'C34 H32 Co N4 O4'
EDO non-polymer 1,2-ETHANEDIOL 'C2 H6 O2'
#
# COMPACT_ATOMS: atom_id res chain seq x y z
N ALA A 6 -18.41 9.89 14.59
CA ALA A 6 -16.96 9.99 14.43
C ALA A 6 -16.60 10.46 13.02
N GLY A 7 -15.41 11.04 12.88
CA GLY A 7 -14.97 11.50 11.57
C GLY A 7 -14.55 10.34 10.69
N LEU A 8 -14.30 10.67 9.42
CA LEU A 8 -13.92 9.66 8.44
C LEU A 8 -12.74 8.82 8.91
N ALA A 9 -11.70 9.48 9.46
CA ALA A 9 -10.48 8.75 9.81
C ALA A 9 -10.74 7.70 10.90
N VAL A 10 -11.67 7.96 11.81
CA VAL A 10 -11.96 7.00 12.87
C VAL A 10 -12.75 5.82 12.32
N GLU A 11 -13.75 6.08 11.48
CA GLU A 11 -14.55 4.97 10.98
C GLU A 11 -13.76 4.12 10.00
N LEU A 12 -12.86 4.72 9.23
CA LEU A 12 -11.95 3.92 8.42
C LEU A 12 -11.15 2.97 9.30
N LYS A 13 -10.62 3.47 10.42
CA LYS A 13 -9.83 2.63 11.31
C LYS A 13 -10.68 1.54 11.94
N GLN A 14 -11.89 1.90 12.40
CA GLN A 14 -12.78 0.95 13.02
C GLN A 14 -13.26 -0.12 12.04
N SER A 15 -13.64 0.29 10.83
CA SER A 15 -14.23 -0.63 9.88
CA SER A 15 -14.23 -0.64 9.87
C SER A 15 -13.20 -1.56 9.24
N THR A 16 -11.91 -1.24 9.33
CA THR A 16 -10.90 -2.14 8.79
C THR A 16 -10.06 -2.79 9.87
N ALA A 17 -10.42 -2.58 11.14
CA ALA A 17 -9.58 -3.08 12.22
C ALA A 17 -9.54 -4.60 12.23
N GLN A 18 -10.67 -5.24 11.93
CA GLN A 18 -10.66 -6.70 11.88
CA GLN A 18 -10.71 -6.71 11.86
C GLN A 18 -9.84 -7.22 10.72
N ALA A 19 -9.87 -6.53 9.58
CA ALA A 19 -9.05 -6.96 8.44
C ALA A 19 -7.57 -6.74 8.70
N HIS A 20 -7.22 -5.68 9.43
CA HIS A 20 -5.82 -5.45 9.75
C HIS A 20 -5.28 -6.55 10.65
N GLU A 21 -6.08 -7.00 11.63
CA GLU A 21 -5.62 -8.07 12.50
C GLU A 21 -5.51 -9.40 11.74
N LYS A 22 -6.40 -9.64 10.79
CA LYS A 22 -6.30 -10.86 10.00
C LYS A 22 -5.08 -10.82 9.08
N ALA A 23 -4.73 -9.63 8.60
CA ALA A 23 -3.55 -9.47 7.76
C ALA A 23 -2.28 -9.82 8.51
N GLU A 24 -2.17 -9.37 9.77
CA GLU A 24 -1.05 -9.71 10.63
C GLU A 24 -0.90 -11.20 10.86
N HIS A 25 -1.98 -11.97 10.71
CA HIS A 25 -1.90 -13.41 10.87
C HIS A 25 -1.80 -14.15 9.54
N SER A 26 -1.56 -13.42 8.45
CA SER A 26 -1.29 -14.06 7.16
C SER A 26 -0.16 -15.08 7.28
N THR A 27 -0.36 -16.27 6.73
CA THR A 27 0.68 -17.29 6.88
C THR A 27 1.98 -16.83 6.23
N PHE A 28 1.89 -16.29 5.01
CA PHE A 28 3.07 -15.76 4.34
C PHE A 28 3.68 -14.60 5.11
N MET A 29 2.86 -13.63 5.51
CA MET A 29 3.45 -12.45 6.13
C MET A 29 4.01 -12.77 7.51
N SER A 30 3.30 -13.59 8.30
CA SER A 30 3.88 -13.90 9.61
C SER A 30 5.16 -14.72 9.46
N ASP A 31 5.23 -15.59 8.45
CA ASP A 31 6.45 -16.32 8.20
CA ASP A 31 6.46 -16.32 8.20
C ASP A 31 7.59 -15.38 7.80
N LEU A 32 7.30 -14.44 6.91
CA LEU A 32 8.32 -13.47 6.51
C LEU A 32 8.80 -12.67 7.72
N LEU A 33 7.85 -12.16 8.53
CA LEU A 33 8.21 -11.26 9.62
C LEU A 33 8.92 -11.96 10.76
N LYS A 34 8.62 -13.24 10.98
CA LYS A 34 9.23 -13.98 12.07
C LYS A 34 10.57 -14.60 11.69
N GLY A 35 11.03 -14.40 10.46
CA GLY A 35 12.35 -14.87 10.04
C GLY A 35 12.37 -16.24 9.41
N ARG A 36 11.22 -16.82 9.07
CA ARG A 36 11.15 -18.16 8.51
C ARG A 36 11.33 -18.21 7.00
N LEU A 37 11.38 -17.07 6.31
CA LEU A 37 11.62 -17.03 4.88
C LEU A 37 13.00 -16.41 4.65
N GLY A 38 13.16 -15.43 3.75
CA GLY A 38 14.48 -14.91 3.47
C GLY A 38 14.38 -13.78 2.46
N VAL A 39 15.54 -13.30 2.01
CA VAL A 39 15.58 -12.10 1.16
C VAL A 39 14.86 -12.35 -0.16
N ALA A 40 15.05 -13.53 -0.76
CA ALA A 40 14.39 -13.82 -2.03
C ALA A 40 12.87 -13.65 -1.94
N GLU A 41 12.26 -14.14 -0.87
CA GLU A 41 10.81 -14.00 -0.73
C GLU A 41 10.43 -12.54 -0.47
N PHE A 42 11.25 -11.82 0.30
CA PHE A 42 11.05 -10.38 0.44
C PHE A 42 11.11 -9.69 -0.91
N THR A 43 12.03 -10.12 -1.78
CA THR A 43 12.12 -9.53 -3.12
C THR A 43 10.89 -9.84 -3.95
N ARG A 44 10.35 -11.06 -3.85
CA ARG A 44 9.13 -11.42 -4.55
C ARG A 44 7.98 -10.50 -4.15
N LEU A 45 7.82 -10.28 -2.83
CA LEU A 45 6.77 -9.38 -2.35
C LEU A 45 6.93 -7.98 -2.95
N GLN A 46 8.15 -7.42 -2.92
CA GLN A 46 8.36 -6.06 -3.43
C GLN A 46 8.17 -5.96 -4.94
N GLU A 47 8.46 -7.03 -5.69
CA GLU A 47 8.12 -7.04 -7.11
C GLU A 47 6.61 -6.93 -7.35
N GLN A 48 5.82 -7.69 -6.59
CA GLN A 48 4.37 -7.59 -6.74
C GLN A 48 3.89 -6.19 -6.34
N ALA A 49 4.47 -5.65 -5.27
CA ALA A 49 4.12 -4.30 -4.82
C ALA A 49 4.46 -3.25 -5.87
N TRP A 50 5.61 -3.38 -6.53
CA TRP A 50 5.95 -2.44 -7.59
C TRP A 50 4.85 -2.40 -8.65
N LEU A 51 4.28 -3.57 -8.97
CA LEU A 51 3.20 -3.66 -9.96
C LEU A 51 1.94 -2.91 -9.50
N PHE A 52 1.50 -3.12 -8.25
CA PHE A 52 0.27 -2.43 -7.91
C PHE A 52 0.49 -1.02 -7.39
N TYR A 53 1.69 -0.68 -6.89
CA TYR A 53 1.96 0.74 -6.63
C TYR A 53 2.05 1.53 -7.92
N THR A 54 2.58 0.92 -8.98
CA THR A 54 2.61 1.60 -10.28
C THR A 54 1.18 1.93 -10.74
N ALA A 55 0.28 0.95 -10.67
CA ALA A 55 -1.11 1.19 -11.06
C ALA A 55 -1.81 2.16 -10.12
N LEU A 56 -1.54 2.03 -8.82
CA LEU A 56 -2.14 2.95 -7.84
C LEU A 56 -1.76 4.40 -8.17
N GLU A 57 -0.52 4.63 -8.56
CA GLU A 57 -0.04 5.98 -8.75
C GLU A 57 -0.51 6.59 -10.06
N GLN A 58 -0.88 5.76 -11.05
CA GLN A 58 -1.58 6.29 -12.23
C GLN A 58 -2.98 6.73 -11.86
N ALA A 59 -3.66 5.98 -11.00
CA ALA A 59 -4.99 6.36 -10.55
C ALA A 59 -4.95 7.61 -9.69
N VAL A 60 -3.92 7.72 -8.85
CA VAL A 60 -3.73 8.92 -8.03
C VAL A 60 -3.46 10.12 -8.94
N ASP A 61 -2.63 9.95 -9.96
CA ASP A 61 -2.38 11.03 -10.90
C ASP A 61 -3.67 11.53 -11.54
N ALA A 62 -4.54 10.61 -11.93
CA ALA A 62 -5.78 10.99 -12.60
C ALA A 62 -6.73 11.69 -11.65
N VAL A 63 -6.89 11.18 -10.42
CA VAL A 63 -7.81 11.79 -9.49
C VAL A 63 -7.30 13.15 -9.02
N ARG A 64 -5.97 13.29 -8.86
CA ARG A 64 -5.39 14.59 -8.55
C ARG A 64 -5.64 15.58 -9.68
N ALA A 65 -5.46 15.15 -10.94
CA ALA A 65 -5.73 16.04 -12.05
C ALA A 65 -7.19 16.49 -12.11
N SER A 66 -8.12 15.72 -11.53
CA SER A 66 -9.52 16.11 -11.55
C SER A 66 -9.87 17.14 -10.48
N GLY A 67 -8.99 17.37 -9.52
CA GLY A 67 -9.24 18.35 -8.47
C GLY A 67 -9.71 17.76 -7.16
N PHE A 68 -9.85 16.44 -7.09
CA PHE A 68 -10.45 15.76 -5.94
C PHE A 68 -9.38 15.46 -4.90
N ALA A 69 -9.62 15.88 -3.66
CA ALA A 69 -8.74 15.56 -2.53
C ALA A 69 -7.29 15.91 -2.83
N GLU A 70 -7.09 17.04 -3.54
CA GLU A 70 -5.75 17.38 -4.03
C GLU A 70 -4.73 17.42 -2.91
N SER A 71 -5.12 17.98 -1.76
CA SER A 71 -4.19 18.14 -0.66
C SER A 71 -3.76 16.79 -0.07
N LEU A 72 -4.69 15.83 -0.02
CA LEU A 72 -4.37 14.50 0.49
C LEU A 72 -3.41 13.76 -0.43
N LEU A 73 -3.51 14.00 -1.74
CA LEU A 73 -2.78 13.22 -2.73
C LEU A 73 -1.37 13.80 -2.94
N ASP A 74 -0.64 13.86 -1.83
CA ASP A 74 0.73 14.38 -1.80
C ASP A 74 1.66 13.54 -2.66
N PRO A 75 2.28 14.12 -3.69
CA PRO A 75 3.17 13.31 -4.54
C PRO A 75 4.41 12.81 -3.83
N ALA A 76 4.81 13.41 -2.70
CA ALA A 76 5.94 12.89 -1.94
C ALA A 76 5.72 11.44 -1.52
N LEU A 77 4.46 11.02 -1.45
CA LEU A 77 4.15 9.66 -1.04
C LEU A 77 4.48 8.62 -2.11
N ASN A 78 4.67 9.02 -3.37
CA ASN A 78 4.91 8.08 -4.46
C ASN A 78 5.98 7.06 -4.09
N ARG A 79 5.65 5.77 -4.31
CA ARG A 79 6.53 4.67 -3.97
C ARG A 79 7.11 3.92 -5.16
N ALA A 80 6.58 4.10 -6.38
CA ALA A 80 6.91 3.17 -7.45
C ALA A 80 8.38 3.28 -7.86
N GLU A 81 8.89 4.50 -8.04
CA GLU A 81 10.29 4.65 -8.44
C GLU A 81 11.24 4.28 -7.29
N VAL A 82 10.86 4.60 -6.04
CA VAL A 82 11.64 4.15 -4.88
C VAL A 82 11.68 2.61 -4.82
N LEU A 83 10.56 1.94 -5.10
CA LEU A 83 10.58 0.49 -5.13
C LEU A 83 11.47 -0.03 -6.26
N ALA A 84 11.44 0.64 -7.41
CA ALA A 84 12.25 0.19 -8.54
C ALA A 84 13.73 0.23 -8.20
N ARG A 85 14.16 1.26 -7.47
CA ARG A 85 15.56 1.36 -7.04
C ARG A 85 15.89 0.32 -5.97
N ASP A 86 14.98 0.10 -5.01
CA ASP A 86 15.12 -1.03 -4.09
C ASP A 86 15.37 -2.32 -4.86
N LEU A 87 14.59 -2.55 -5.92
CA LEU A 87 14.63 -3.84 -6.62
C LEU A 87 15.85 -3.97 -7.53
N ASP A 88 16.38 -2.85 -8.07
CA ASP A 88 17.65 -2.91 -8.78
C ASP A 88 18.78 -3.36 -7.86
N LYS A 89 18.73 -2.95 -6.59
CA LYS A 89 19.70 -3.39 -5.60
C LYS A 89 19.47 -4.83 -5.17
N LEU A 90 18.22 -5.22 -4.90
CA LEU A 90 17.97 -6.57 -4.42
C LEU A 90 18.29 -7.62 -5.48
N ASN A 91 18.05 -7.30 -6.76
CA ASN A 91 18.27 -8.27 -7.83
C ASN A 91 19.63 -8.12 -8.50
N GLY A 92 20.35 -7.04 -8.26
CA GLY A 92 21.65 -6.84 -8.86
C GLY A 92 21.66 -6.29 -10.27
N SER A 93 20.48 -5.93 -10.82
CA SER A 93 20.37 -5.38 -12.16
C SER A 93 18.93 -4.93 -12.35
N SER A 94 18.70 -4.20 -13.45
CA SER A 94 17.36 -3.81 -13.87
C SER A 94 16.67 -4.90 -14.68
N GLU A 95 17.22 -6.12 -14.69
CA GLU A 95 16.70 -7.18 -15.54
C GLU A 95 15.31 -7.62 -15.11
N TRP A 96 14.96 -7.44 -13.82
CA TRP A 96 13.66 -7.87 -13.33
C TRP A 96 12.50 -7.14 -13.98
N ARG A 97 12.74 -5.92 -14.49
CA ARG A 97 11.63 -5.10 -15.00
C ARG A 97 10.89 -5.79 -16.13
N SER A 98 11.61 -6.41 -17.05
CA SER A 98 10.98 -7.09 -18.17
C SER A 98 10.52 -8.50 -17.83
N ARG A 99 10.83 -9.00 -16.63
CA ARG A 99 10.62 -10.41 -16.33
C ARG A 99 9.44 -10.69 -15.42
N ILE A 100 9.12 -9.81 -14.48
CA ILE A 100 8.14 -10.15 -13.47
C ILE A 100 6.74 -10.14 -14.05
N THR A 101 5.93 -11.11 -13.63
CA THR A 101 4.53 -11.16 -14.01
C THR A 101 3.65 -11.05 -12.76
N ALA A 102 2.50 -10.42 -12.95
CA ALA A 102 1.55 -10.23 -11.85
C ALA A 102 0.92 -11.57 -11.46
N SER A 103 0.85 -11.81 -10.15
CA SER A 103 0.08 -12.95 -9.67
C SER A 103 -1.41 -12.69 -9.93
N PRO A 104 -2.25 -13.72 -9.85
CA PRO A 104 -3.69 -13.49 -10.05
C PRO A 104 -4.26 -12.41 -9.12
N ALA A 105 -3.89 -12.39 -7.85
CA ALA A 105 -4.36 -11.35 -6.94
C ALA A 105 -4.00 -9.96 -7.45
N VAL A 106 -2.75 -9.81 -7.90
CA VAL A 106 -2.28 -8.50 -8.37
C VAL A 106 -2.95 -8.12 -9.68
N ILE A 107 -3.17 -9.09 -10.58
CA ILE A 107 -3.99 -8.85 -11.76
C ILE A 107 -5.31 -8.17 -11.40
N ASP A 108 -6.05 -8.75 -10.45
CA ASP A 108 -7.34 -8.19 -10.08
C ASP A 108 -7.19 -6.82 -9.42
N TYR A 109 -6.26 -6.71 -8.46
CA TYR A 109 -5.95 -5.43 -7.82
C TYR A 109 -5.64 -4.36 -8.86
N VAL A 110 -4.76 -4.68 -9.81
CA VAL A 110 -4.40 -3.71 -10.83
C VAL A 110 -5.61 -3.38 -11.70
N ASN A 111 -6.38 -4.41 -12.08
CA ASN A 111 -7.60 -4.16 -12.85
C ASN A 111 -8.49 -3.15 -12.15
N ARG A 112 -8.73 -3.33 -10.84
CA ARG A 112 -9.57 -2.37 -10.10
C ARG A 112 -8.97 -0.96 -10.09
N LEU A 113 -7.66 -0.85 -9.89
CA LEU A 113 -7.01 0.47 -9.91
C LEU A 113 -7.11 1.11 -11.28
N GLU A 114 -7.04 0.33 -12.35
CA GLU A 114 -7.22 0.92 -13.68
C GLU A 114 -8.68 1.32 -13.89
N GLU A 115 -9.63 0.54 -13.36
CA GLU A 115 -11.04 0.95 -13.37
C GLU A 115 -11.24 2.28 -12.67
N ILE A 116 -10.59 2.46 -11.51
CA ILE A 116 -10.70 3.70 -10.74
C ILE A 116 -10.05 4.87 -11.49
N ARG A 117 -8.92 4.62 -12.15
CA ARG A 117 -8.28 5.65 -12.95
C ARG A 117 -9.16 6.09 -14.11
N ASP A 118 -9.74 5.12 -14.83
CA ASP A 118 -10.53 5.43 -16.02
C ASP A 118 -11.88 6.07 -15.68
N ASN A 119 -12.44 5.76 -14.51
CA ASN A 119 -13.69 6.37 -14.05
C ASN A 119 -13.45 7.63 -13.24
N VAL A 120 -12.19 7.98 -13.00
CA VAL A 120 -11.80 9.07 -12.11
C VAL A 120 -12.65 9.01 -10.84
N ASP A 121 -12.66 7.85 -10.18
CA ASP A 121 -13.50 7.58 -9.01
C ASP A 121 -12.75 8.08 -7.78
N GLY A 122 -12.96 9.36 -7.45
CA GLY A 122 -12.30 10.00 -6.34
C GLY A 122 -12.43 9.28 -5.01
N PRO A 123 -13.66 9.07 -4.54
CA PRO A 123 -13.85 8.36 -3.26
C PRO A 123 -13.16 6.99 -3.16
N ALA A 124 -13.30 6.15 -4.18
CA ALA A 124 -12.63 4.85 -4.17
C ALA A 124 -11.12 5.01 -4.08
N LEU A 125 -10.54 5.92 -4.88
CA LEU A 125 -9.11 6.14 -4.85
C LEU A 125 -8.65 6.53 -3.44
N VAL A 126 -9.36 7.43 -2.78
CA VAL A 126 -8.91 7.85 -1.45
C VAL A 126 -8.87 6.65 -0.51
N ALA A 127 -9.82 5.74 -0.68
CA ALA A 127 -9.84 4.51 0.11
C ALA A 127 -8.56 3.72 -0.08
N HIS A 128 -8.15 3.51 -1.34
CA HIS A 128 -6.90 2.81 -1.62
C HIS A 128 -5.69 3.57 -1.10
N HIS A 129 -5.73 4.91 -1.24
CA HIS A 129 -4.68 5.78 -0.73
C HIS A 129 -4.51 5.62 0.77
N TYR A 130 -5.62 5.65 1.52
CA TYR A 130 -5.57 5.42 2.97
C TYR A 130 -4.95 4.06 3.30
N VAL A 131 -5.41 3.02 2.61
CA VAL A 131 -5.00 1.66 2.97
C VAL A 131 -3.51 1.46 2.71
N ARG A 132 -3.00 1.94 1.57
CA ARG A 132 -1.59 1.71 1.27
C ARG A 132 -0.70 2.70 2.02
N TYR A 133 -0.90 4.00 1.78
CA TYR A 133 0.08 4.97 2.23
C TYR A 133 0.03 5.19 3.73
N LEU A 134 -1.16 5.30 4.31
CA LEU A 134 -1.19 5.50 5.76
C LEU A 134 -0.74 4.25 6.50
N GLY A 135 -1.00 3.07 5.93
CA GLY A 135 -0.39 1.86 6.48
C GLY A 135 1.12 1.88 6.37
N ASP A 136 1.62 2.28 5.20
CA ASP A 136 3.06 2.44 5.03
C ASP A 136 3.63 3.39 6.06
N LEU A 137 3.01 4.57 6.20
CA LEU A 137 3.53 5.58 7.12
C LEU A 137 3.51 5.10 8.55
N SER A 138 2.52 4.28 8.91
CA SER A 138 2.31 3.89 10.30
C SER A 138 3.11 2.66 10.69
N GLY A 139 3.37 1.75 9.77
CA GLY A 139 3.99 0.50 10.16
C GLY A 139 5.23 0.17 9.37
N GLY A 140 5.55 0.99 8.36
CA GLY A 140 6.66 0.66 7.49
C GLY A 140 7.99 0.53 8.22
N GLN A 141 8.21 1.38 9.23
CA GLN A 141 9.48 1.31 9.95
C GLN A 141 9.63 -0.03 10.66
N VAL A 142 8.53 -0.58 11.19
CA VAL A 142 8.56 -1.86 11.88
C VAL A 142 8.94 -2.99 10.92
N ILE A 143 8.30 -3.03 9.74
CA ILE A 143 8.59 -4.09 8.78
C ILE A 143 10.04 -4.01 8.32
N ALA A 144 10.52 -2.81 8.01
CA ALA A 144 11.90 -2.67 7.52
C ALA A 144 12.91 -3.11 8.57
N ARG A 145 12.63 -2.79 9.84
CA ARG A 145 13.52 -3.22 10.91
C ARG A 145 13.57 -4.74 11.01
N MET A 146 12.43 -5.40 10.83
CA MET A 146 12.40 -6.86 10.88
C MET A 146 13.19 -7.48 9.73
N MET A 147 13.16 -6.87 8.55
CA MET A 147 13.94 -7.39 7.43
C MET A 147 15.43 -7.26 7.71
N GLN A 148 15.85 -6.12 8.30
CA GLN A 148 17.23 -5.95 8.76
C GLN A 148 17.60 -7.02 9.78
N ARG A 149 16.81 -7.12 10.85
CA ARG A 149 17.19 -7.99 11.96
C ARG A 149 17.21 -9.46 11.54
N HIS A 150 16.21 -9.91 10.78
CA HIS A 150 16.15 -11.34 10.48
C HIS A 150 17.01 -11.74 9.29
N TYR A 151 17.08 -10.90 8.25
CA TYR A 151 17.68 -11.30 6.98
C TYR A 151 18.87 -10.45 6.57
N GLY A 152 19.25 -9.45 7.35
CA GLY A 152 20.37 -8.61 7.01
C GLY A 152 20.17 -7.78 5.76
N VAL A 153 18.91 -7.48 5.40
CA VAL A 153 18.67 -6.64 4.23
C VAL A 153 19.30 -5.28 4.47
N ASP A 154 20.07 -4.82 3.49
CA ASP A 154 20.75 -3.55 3.60
C ASP A 154 19.73 -2.42 3.58
N PRO A 155 19.91 -1.38 4.40
CA PRO A 155 18.90 -0.30 4.46
C PRO A 155 18.66 0.36 3.12
N GLU A 156 19.68 0.45 2.27
CA GLU A 156 19.49 1.05 0.96
C GLU A 156 18.62 0.22 0.03
N ALA A 157 18.28 -1.02 0.40
CA ALA A 157 17.27 -1.79 -0.30
C ALA A 157 15.90 -1.69 0.39
N LEU A 158 15.77 -0.78 1.35
CA LEU A 158 14.56 -0.62 2.16
C LEU A 158 13.99 0.78 2.04
N GLY A 159 14.32 1.49 0.95
CA GLY A 159 13.87 2.86 0.80
C GLY A 159 12.36 2.97 0.74
N PHE A 160 11.67 1.92 0.28
CA PHE A 160 10.21 1.94 0.21
C PHE A 160 9.58 2.25 1.55
N TYR A 161 10.24 1.87 2.65
CA TYR A 161 9.69 1.99 3.99
C TYR A 161 9.97 3.32 4.66
N HIS A 162 10.68 4.22 3.99
CA HIS A 162 11.01 5.52 4.57
C HIS A 162 10.63 6.61 3.56
N PHE A 163 9.94 7.65 4.04
CA PHE A 163 9.45 8.72 3.19
C PHE A 163 10.40 9.91 3.30
N GLU A 164 11.24 10.08 2.27
CA GLU A 164 12.30 11.08 2.32
C GLU A 164 11.76 12.50 2.52
N GLY A 165 10.67 12.85 1.85
CA GLY A 165 10.18 14.21 1.91
C GLY A 165 9.16 14.48 3.00
N ILE A 166 9.35 13.87 4.18
CA ILE A 166 8.45 14.03 5.32
C ILE A 166 9.32 14.16 6.57
N ALA A 167 9.33 15.35 7.17
CA ALA A 167 10.24 15.61 8.29
C ALA A 167 9.68 15.08 9.61
N LYS A 168 8.52 15.58 10.01
CA LYS A 168 7.87 15.14 11.23
C LYS A 168 6.82 14.09 10.86
N LEU A 169 7.03 12.86 11.35
CA LEU A 169 6.21 11.72 10.95
C LEU A 169 4.88 11.70 11.70
N LYS A 170 4.90 11.87 13.02
CA LYS A 170 3.65 11.89 13.77
C LYS A 170 2.81 13.10 13.38
N VAL A 171 3.44 14.21 13.04
CA VAL A 171 2.67 15.38 12.62
C VAL A 171 2.01 15.12 11.26
N TYR A 172 2.75 14.53 10.33
CA TYR A 172 2.19 14.26 9.00
C TYR A 172 0.98 13.33 9.09
N LYS A 173 1.06 12.28 9.92
CA LYS A 173 -0.06 11.37 10.06
C LYS A 173 -1.28 12.04 10.68
N ASP A 174 -1.09 12.97 11.61
CA ASP A 174 -2.22 13.72 12.17
C ASP A 174 -2.89 14.58 11.11
N GLU A 175 -2.08 15.27 10.31
CA GLU A 175 -2.63 16.11 9.26
C GLU A 175 -3.36 15.27 8.21
N TYR A 176 -2.82 14.09 7.89
CA TYR A 176 -3.49 13.21 6.93
C TYR A 176 -4.88 12.85 7.40
N ARG A 177 -5.00 12.45 8.67
CA ARG A 177 -6.31 12.12 9.23
C ARG A 177 -7.21 13.34 9.27
N GLU A 178 -6.65 14.53 9.54
CA GLU A 178 -7.50 15.72 9.53
C GLU A 178 -8.00 16.01 8.12
N LYS A 179 -7.17 15.78 7.11
CA LYS A 179 -7.63 15.93 5.74
C LYS A 179 -8.71 14.90 5.41
N LEU A 180 -8.57 13.68 5.92
CA LEU A 180 -9.63 12.70 5.76
C LEU A 180 -10.93 13.21 6.38
N ASN A 181 -10.82 13.73 7.60
CA ASN A 181 -12.00 14.23 8.30
C ASN A 181 -12.64 15.39 7.55
N ASN A 182 -11.81 16.25 6.94
CA ASN A 182 -12.35 17.44 6.27
C ASN A 182 -12.74 17.18 4.83
N LEU A 183 -12.67 15.93 4.36
CA LEU A 183 -13.14 15.64 3.01
C LEU A 183 -14.65 15.86 2.92
N GLU A 184 -15.07 16.56 1.87
CA GLU A 184 -16.49 16.75 1.60
C GLU A 184 -16.97 15.58 0.75
N LEU A 185 -17.96 14.85 1.26
CA LEU A 185 -18.48 13.64 0.64
C LEU A 185 -19.99 13.58 0.83
N SER A 186 -20.71 13.18 -0.22
CA SER A 186 -22.10 12.80 -0.02
C SER A 186 -22.17 11.49 0.75
N ASP A 187 -23.37 11.19 1.25
CA ASP A 187 -23.61 9.91 1.92
CA ASP A 187 -23.62 9.92 1.93
C ASP A 187 -23.21 8.73 1.06
N GLU A 188 -23.56 8.77 -0.24
CA GLU A 188 -23.23 7.67 -1.13
C GLU A 188 -21.72 7.59 -1.37
N GLN A 189 -21.08 8.74 -1.65
CA GLN A 189 -19.62 8.76 -1.80
C GLN A 189 -18.94 8.19 -0.57
N ARG A 190 -19.50 8.49 0.60
CA ARG A 190 -18.90 8.04 1.85
C ARG A 190 -19.04 6.54 2.02
N GLU A 191 -20.20 5.99 1.66
CA GLU A 191 -20.36 4.54 1.70
C GLU A 191 -19.47 3.88 0.66
N HIS A 192 -19.34 4.49 -0.52
CA HIS A 192 -18.44 3.97 -1.55
C HIS A 192 -17.01 3.92 -1.05
N LEU A 193 -16.56 4.99 -0.39
CA LEU A 193 -15.20 5.02 0.14
C LEU A 193 -14.99 3.94 1.21
N LEU A 194 -15.88 3.88 2.21
CA LEU A 194 -15.77 2.86 3.26
C LEU A 194 -15.80 1.45 2.70
N LYS A 195 -16.65 1.18 1.72
CA LYS A 195 -16.66 -0.17 1.16
C LYS A 195 -15.35 -0.46 0.46
N GLU A 196 -14.84 0.52 -0.28
CA GLU A 196 -13.61 0.30 -1.01
C GLU A 196 -12.43 0.03 -0.07
N ALA A 197 -12.43 0.66 1.11
CA ALA A 197 -11.37 0.38 2.08
C ALA A 197 -11.38 -1.08 2.51
N THR A 198 -12.57 -1.64 2.71
CA THR A 198 -12.69 -3.08 2.96
C THR A 198 -12.15 -3.89 1.77
N ASP A 199 -12.51 -3.49 0.55
CA ASP A 199 -12.02 -4.23 -0.62
C ASP A 199 -10.51 -4.17 -0.74
N ALA A 200 -9.93 -3.00 -0.46
CA ALA A 200 -8.48 -2.82 -0.56
C ALA A 200 -7.74 -3.76 0.39
N PHE A 201 -8.28 -4.00 1.59
CA PHE A 201 -7.67 -4.99 2.48
C PHE A 201 -7.84 -6.41 1.94
N VAL A 202 -9.00 -6.71 1.32
CA VAL A 202 -9.17 -8.04 0.72
C VAL A 202 -8.11 -8.26 -0.35
N PHE A 203 -7.89 -7.25 -1.21
CA PHE A 203 -6.90 -7.40 -2.27
C PHE A 203 -5.52 -7.67 -1.68
N ASN A 204 -5.14 -6.90 -0.66
CA ASN A 204 -3.81 -7.06 -0.10
C ASN A 204 -3.66 -8.43 0.53
N HIS A 205 -4.72 -8.91 1.20
CA HIS A 205 -4.71 -10.26 1.77
C HIS A 205 -4.55 -11.32 0.69
N GLN A 206 -5.20 -11.13 -0.45
CA GLN A 206 -5.07 -12.10 -1.55
C GLN A 206 -3.66 -12.11 -2.13
N VAL A 207 -3.02 -10.94 -2.23
CA VAL A 207 -1.62 -10.88 -2.66
C VAL A 207 -0.74 -11.72 -1.75
N PHE A 208 -0.94 -11.63 -0.44
CA PHE A 208 -0.19 -12.47 0.49
C PHE A 208 -0.46 -13.95 0.23
N ALA A 209 -1.72 -14.31 -0.04
CA ALA A 209 -2.05 -15.72 -0.26
C ALA A 209 -1.35 -16.26 -1.49
N ASP A 210 -1.33 -15.48 -2.60
CA ASP A 210 -0.63 -15.92 -3.80
C ASP A 210 0.87 -16.09 -3.56
N LEU A 211 1.49 -15.20 -2.78
CA LEU A 211 2.90 -15.32 -2.46
C LEU A 211 3.19 -16.55 -1.60
N GLY A 212 2.25 -16.96 -0.76
CA GLY A 212 2.45 -18.12 0.10
C GLY A 212 2.30 -19.46 -0.61
N LYS A 213 1.83 -19.46 -1.85
CA LYS A 213 1.61 -20.71 -2.56
C LYS A 213 2.93 -21.43 -2.79
N GLY A 214 2.89 -22.76 -2.68
CA GLY A 214 4.06 -23.57 -2.89
C GLY A 214 5.05 -23.58 -1.74
N LEU A 215 4.75 -22.88 -0.65
CA LEU A 215 5.57 -22.91 0.54
C LEU A 215 5.01 -23.92 1.53
CO COH B . -0.57 -1.98 9.25
CHA COH B . -1.66 0.57 11.20
CHB COH B . -2.45 -0.96 6.63
CHC COH B . -0.24 -5.05 7.95
CHD COH B . 2.16 -2.45 11.22
NA COH B . -1.80 -0.51 8.99
C1A COH B . -2.17 0.47 9.84
C2A COH B . -3.15 1.46 9.33
C3A COH B . -3.38 1.01 7.96
C4A COH B . -2.53 -0.20 7.88
CMA COH B . -4.29 1.57 6.89
CAA COH B . -3.71 2.67 10.04
CBA COH B . -5.05 2.47 10.72
CGA COH B . -5.46 3.88 11.10
O1A COH B . -4.66 4.56 11.79
O2A COH B . -6.55 4.32 10.67
NB COH B . -1.21 -2.82 7.63
C1B COH B . -1.93 -2.33 6.60
C2B COH B . -2.26 -3.22 5.44
C3B COH B . -1.59 -4.44 5.87
C4B COH B . -0.99 -4.08 7.17
CMB COH B . -3.05 -2.92 4.21
CAB COH B . -1.48 -5.76 5.20
CBB COH B . -2.17 -6.10 4.13
NC COH B . 0.68 -3.44 9.53
C1C COH B . 0.72 -4.66 8.94
C2C COH B . 1.77 -5.62 9.33
C3C COH B . 2.50 -4.82 10.32
C4C COH B . 1.76 -3.53 10.34
CMC COH B . 1.97 -7.03 8.79
CAC COH B . 3.70 -5.15 11.12
CBC COH B . 3.86 -6.34 11.67
ND COH B . 0.10 -1.12 10.85
C1D COH B . 1.23 -1.39 11.57
C2D COH B . 1.50 -0.56 12.78
C3D COH B . 0.35 0.36 12.79
C4D COH B . -0.40 -0.09 11.58
CMD COH B . 2.65 -0.65 13.73
CAD COH B . 0.04 1.46 13.77
CBD COH B . -0.96 0.98 14.81
CGD COH B . -0.66 -0.45 15.19
O1D COH B . -1.34 -1.34 14.65
O2D COH B . 0.25 -0.67 16.02
C1 EDO C . 18.41 -14.48 2.66
O1 EDO C . 17.50 -15.54 2.51
C2 EDO C . 19.78 -14.81 2.17
O2 EDO C . 20.73 -14.33 3.10
CL CL D . 7.21 7.21 -8.09
C CO2 E . 1.83 -1.59 6.30
O1 CO2 E . 2.03 -1.10 7.35
O2 CO2 E . 1.64 -2.07 5.27
#